data_2N5C
#
_entry.id   2N5C
#
_entity_poly.entity_id   1
_entity_poly.type   'polypeptide(L)'
_entity_poly.pdbx_seq_one_letter_code
;GFGSKPLDSFGLNFF
;
_entity_poly.pdbx_strand_id   A
#
# COMPACT_ATOMS: atom_id res chain seq x y z
N GLY A 1 -0.69 -1.99 -2.19
CA GLY A 1 0.54 -2.47 -2.82
C GLY A 1 1.20 -2.98 -1.56
N PHE A 2 2.51 -2.84 -1.36
CA PHE A 2 3.07 -3.04 -0.03
C PHE A 2 4.06 -1.94 0.32
N GLY A 3 3.69 -1.08 1.26
CA GLY A 3 4.57 -0.01 1.67
C GLY A 3 3.83 0.98 2.56
N SER A 4 4.50 2.07 2.92
CA SER A 4 3.95 3.08 3.81
C SER A 4 3.06 4.12 3.13
N LYS A 5 1.80 3.80 2.88
CA LYS A 5 0.81 4.74 2.33
C LYS A 5 -0.55 4.20 2.73
N PRO A 6 -1.66 4.95 2.53
CA PRO A 6 -2.98 4.33 2.77
C PRO A 6 -3.33 3.25 1.73
N LEU A 7 -4.61 2.92 1.64
CA LEU A 7 -5.11 1.73 0.93
C LEU A 7 -4.63 1.44 -0.49
N ASP A 8 -4.59 0.12 -0.74
CA ASP A 8 -4.05 -0.55 -1.92
C ASP A 8 -4.73 -1.88 -2.06
N SER A 9 -4.56 -2.54 -3.21
CA SER A 9 -5.08 -3.89 -3.45
C SER A 9 -4.46 -4.97 -2.57
N PHE A 10 -3.26 -4.71 -2.06
CA PHE A 10 -2.54 -5.63 -1.16
C PHE A 10 -2.36 -4.96 0.20
N GLY A 11 -3.31 -4.11 0.54
CA GLY A 11 -3.35 -3.46 1.85
C GLY A 11 -2.89 -2.02 1.91
N LEU A 12 -1.59 -1.76 1.94
CA LEU A 12 -1.07 -0.39 2.14
C LEU A 12 -0.05 -0.07 1.05
N ASN A 13 -0.16 1.07 0.39
CA ASN A 13 0.48 1.25 -0.90
C ASN A 13 2.01 1.40 -0.97
N PHE A 14 2.57 0.94 -2.08
CA PHE A 14 4.01 0.85 -2.26
C PHE A 14 4.64 2.23 -2.52
N PHE A 15 5.95 2.27 -2.60
CA PHE A 15 6.74 3.45 -2.95
C PHE A 15 7.89 2.78 -3.70
N GLY A 1 -0.30 -2.46 -2.25
CA GLY A 1 0.60 -3.40 -2.91
C GLY A 1 1.49 -4.06 -1.87
N PHE A 2 2.39 -3.27 -1.31
CA PHE A 2 2.89 -3.43 0.06
C PHE A 2 3.48 -2.03 0.29
N GLY A 3 3.59 -1.54 1.51
CA GLY A 3 4.23 -0.25 1.72
C GLY A 3 3.67 0.61 2.84
N SER A 4 3.93 1.90 2.74
CA SER A 4 3.68 2.87 3.81
C SER A 4 2.67 3.97 3.50
N LYS A 5 1.91 3.84 2.41
CA LYS A 5 0.91 4.84 2.03
C LYS A 5 -0.46 4.22 2.31
N PRO A 6 -1.56 5.02 2.32
CA PRO A 6 -2.87 4.39 2.53
C PRO A 6 -3.29 3.47 1.38
N LEU A 7 -4.50 2.93 1.47
CA LEU A 7 -4.82 1.60 0.95
C LEU A 7 -4.46 1.30 -0.51
N ASP A 8 -3.88 0.12 -0.65
CA ASP A 8 -3.56 -0.57 -1.89
C ASP A 8 -4.66 -1.59 -2.10
N SER A 9 -4.66 -2.28 -3.24
CA SER A 9 -5.44 -3.51 -3.44
C SER A 9 -4.93 -4.63 -2.53
N PHE A 10 -3.67 -4.53 -2.12
CA PHE A 10 -3.10 -5.45 -1.15
C PHE A 10 -2.56 -4.67 0.05
N GLY A 11 -3.45 -4.30 0.95
CA GLY A 11 -3.04 -3.65 2.18
C GLY A 11 -2.69 -2.18 2.04
N LEU A 12 -1.41 -1.84 2.11
CA LEU A 12 -0.94 -0.46 2.11
C LEU A 12 -0.04 -0.25 0.92
N ASN A 13 0.07 0.98 0.44
CA ASN A 13 0.69 1.21 -0.87
C ASN A 13 2.17 1.58 -0.91
N PHE A 14 2.80 1.23 -2.01
CA PHE A 14 4.23 1.41 -2.25
C PHE A 14 4.63 2.88 -2.43
N PHE A 15 5.92 3.09 -2.62
CA PHE A 15 6.56 4.38 -2.88
C PHE A 15 7.53 3.96 -3.96
N GLY A 1 -0.44 -2.62 -2.33
CA GLY A 1 0.93 -2.82 -2.75
C GLY A 1 1.59 -3.20 -1.45
N PHE A 2 2.87 -2.87 -1.23
CA PHE A 2 3.40 -2.92 0.12
C PHE A 2 4.32 -1.73 0.39
N GLY A 3 3.85 -0.78 1.19
CA GLY A 3 4.65 0.35 1.58
C GLY A 3 3.80 1.22 2.48
N SER A 4 4.36 2.25 3.09
CA SER A 4 3.60 3.14 3.96
C SER A 4 2.87 4.20 3.15
N LYS A 5 1.54 4.13 3.14
CA LYS A 5 0.65 5.06 2.44
C LYS A 5 -0.73 4.57 2.90
N PRO A 6 -1.86 5.17 2.45
CA PRO A 6 -3.13 4.46 2.68
C PRO A 6 -3.25 3.17 1.85
N LEU A 7 -4.44 2.57 1.86
CA LEU A 7 -4.70 1.30 1.18
C LEU A 7 -4.29 1.21 -0.29
N ASP A 8 -3.86 0.00 -0.63
CA ASP A 8 -3.50 -0.48 -1.95
C ASP A 8 -4.67 -1.30 -2.49
N SER A 9 -4.41 -2.11 -3.53
CA SER A 9 -5.28 -3.25 -3.86
C SER A 9 -5.28 -4.38 -2.82
N PHE A 10 -4.15 -4.56 -2.14
CA PHE A 10 -4.02 -5.50 -1.03
C PHE A 10 -3.00 -4.83 -0.11
N GLY A 11 -3.28 -4.66 1.18
CA GLY A 11 -2.30 -4.02 2.04
C GLY A 11 -2.28 -2.51 1.87
N LEU A 12 -1.14 -1.89 2.10
CA LEU A 12 -0.97 -0.43 2.03
C LEU A 12 -0.04 -0.12 0.87
N ASN A 13 -0.30 0.97 0.16
CA ASN A 13 0.27 1.20 -1.16
C ASN A 13 1.81 1.35 -1.19
N PHE A 14 2.40 0.70 -2.17
CA PHE A 14 3.85 0.64 -2.37
C PHE A 14 4.46 2.02 -2.60
N PHE A 15 5.79 2.09 -2.56
CA PHE A 15 6.55 3.28 -2.92
C PHE A 15 7.54 2.60 -3.85
N GLY A 1 -0.64 -1.89 -2.19
CA GLY A 1 0.45 -2.67 -2.76
C GLY A 1 1.02 -3.17 -1.45
N PHE A 2 2.33 -3.19 -1.24
CA PHE A 2 2.86 -3.35 0.11
C PHE A 2 3.91 -2.30 0.42
N GLY A 3 3.57 -1.31 1.24
CA GLY A 3 4.51 -0.29 1.66
C GLY A 3 3.75 0.77 2.44
N SER A 4 4.41 1.84 2.86
CA SER A 4 3.78 2.85 3.70
C SER A 4 3.08 3.99 2.94
N LYS A 5 1.75 3.94 2.91
CA LYS A 5 0.84 5.03 2.50
C LYS A 5 -0.54 4.38 2.75
N PRO A 6 -1.67 5.09 2.59
CA PRO A 6 -2.96 4.39 2.80
C PRO A 6 -3.30 3.32 1.75
N LEU A 7 -4.56 2.93 1.71
CA LEU A 7 -5.05 1.73 1.01
C LEU A 7 -4.63 1.46 -0.44
N ASP A 8 -4.49 0.17 -0.71
CA ASP A 8 -3.97 -0.45 -1.93
C ASP A 8 -4.54 -1.85 -2.04
N SER A 9 -4.38 -2.50 -3.19
CA SER A 9 -4.88 -3.86 -3.44
C SER A 9 -4.35 -4.91 -2.47
N PHE A 10 -3.09 -4.79 -2.08
CA PHE A 10 -2.47 -5.74 -1.15
C PHE A 10 -2.32 -5.09 0.24
N GLY A 11 -3.22 -4.18 0.53
CA GLY A 11 -3.27 -3.53 1.83
C GLY A 11 -2.86 -2.07 1.82
N LEU A 12 -1.55 -1.76 1.77
CA LEU A 12 -1.08 -0.38 1.92
C LEU A 12 -0.08 0.01 0.83
N ASN A 13 -0.20 1.21 0.28
CA ASN A 13 0.50 1.57 -0.95
C ASN A 13 2.01 1.72 -0.86
N PHE A 14 2.69 1.07 -1.80
CA PHE A 14 4.15 1.10 -1.91
C PHE A 14 4.64 2.38 -2.58
N PHE A 15 5.95 2.59 -2.55
CA PHE A 15 6.63 3.58 -3.37
C PHE A 15 7.95 2.86 -3.58
N GLY A 1 -0.82 -2.07 -2.08
CA GLY A 1 0.34 -2.75 -2.61
C GLY A 1 0.96 -3.19 -1.31
N PHE A 2 2.28 -3.20 -1.14
CA PHE A 2 2.87 -3.42 0.18
C PHE A 2 3.96 -2.40 0.52
N GLY A 3 3.57 -1.31 1.18
CA GLY A 3 4.51 -0.31 1.64
C GLY A 3 3.76 0.76 2.40
N SER A 4 4.42 1.81 2.85
CA SER A 4 3.77 2.83 3.67
C SER A 4 3.08 3.97 2.91
N LYS A 5 1.75 3.92 2.87
CA LYS A 5 0.84 5.01 2.45
C LYS A 5 -0.52 4.36 2.69
N PRO A 6 -1.66 5.06 2.52
CA PRO A 6 -2.94 4.37 2.76
C PRO A 6 -3.31 3.30 1.71
N LEU A 7 -4.58 2.90 1.71
CA LEU A 7 -5.10 1.72 1.02
C LEU A 7 -4.70 1.48 -0.44
N ASP A 8 -4.55 0.17 -0.71
CA ASP A 8 -3.99 -0.42 -1.91
C ASP A 8 -4.54 -1.82 -2.05
N SER A 9 -4.39 -2.46 -3.22
CA SER A 9 -4.88 -3.80 -3.49
C SER A 9 -4.35 -4.92 -2.60
N PHE A 10 -3.13 -4.76 -2.07
CA PHE A 10 -2.52 -5.76 -1.19
C PHE A 10 -2.36 -5.14 0.21
N GLY A 11 -3.23 -4.19 0.51
CA GLY A 11 -3.25 -3.54 1.82
C GLY A 11 -2.83 -2.09 1.81
N LEU A 12 -1.54 -1.79 1.76
CA LEU A 12 -1.06 -0.40 1.92
C LEU A 12 -0.05 0.00 0.83
N ASN A 13 -0.18 1.19 0.29
CA ASN A 13 0.52 1.56 -0.94
C ASN A 13 2.04 1.75 -0.83
N PHE A 14 2.76 1.16 -1.77
CA PHE A 14 4.23 1.23 -1.82
C PHE A 14 4.68 2.45 -2.61
N PHE A 15 5.97 2.73 -2.58
CA PHE A 15 6.65 3.69 -3.45
C PHE A 15 8.03 3.04 -3.47
N GLY A 1 -0.42 -2.78 -2.32
CA GLY A 1 0.99 -2.95 -2.62
C GLY A 1 1.61 -3.22 -1.26
N PHE A 2 2.87 -2.88 -1.04
CA PHE A 2 3.42 -2.86 0.31
C PHE A 2 4.30 -1.62 0.51
N GLY A 3 3.85 -0.69 1.33
CA GLY A 3 4.62 0.49 1.67
C GLY A 3 3.77 1.35 2.57
N SER A 4 4.35 2.36 3.22
CA SER A 4 3.58 3.23 4.10
C SER A 4 2.82 4.27 3.29
N LYS A 5 1.50 4.14 3.23
CA LYS A 5 0.59 5.02 2.48
C LYS A 5 -0.78 4.51 2.91
N PRO A 6 -1.91 5.11 2.43
CA PRO A 6 -3.18 4.40 2.66
C PRO A 6 -3.28 3.10 1.84
N LEU A 7 -4.45 2.47 1.88
CA LEU A 7 -4.68 1.19 1.21
C LEU A 7 -4.26 1.12 -0.25
N ASP A 8 -3.69 -0.04 -0.56
CA ASP A 8 -3.39 -0.54 -1.89
C ASP A 8 -4.63 -1.23 -2.41
N SER A 9 -4.48 -2.02 -3.48
CA SER A 9 -5.46 -3.05 -3.83
C SER A 9 -5.53 -4.20 -2.79
N PHE A 10 -4.41 -4.50 -2.18
CA PHE A 10 -4.31 -5.42 -1.05
C PHE A 10 -3.08 -4.95 -0.31
N GLY A 11 -3.15 -4.73 1.00
CA GLY A 11 -2.03 -4.14 1.73
C GLY A 11 -2.10 -2.63 1.73
N LEU A 12 -0.98 -1.95 1.92
CA LEU A 12 -0.92 -0.48 1.94
C LEU A 12 0.01 -0.09 0.80
N ASN A 13 -0.30 0.99 0.11
CA ASN A 13 0.27 1.25 -1.21
C ASN A 13 1.80 1.41 -1.23
N PHE A 14 2.40 0.74 -2.22
CA PHE A 14 3.86 0.68 -2.39
C PHE A 14 4.51 2.03 -2.66
N PHE A 15 5.83 2.06 -2.67
CA PHE A 15 6.62 3.19 -3.12
C PHE A 15 7.70 2.43 -3.88
N GLY A 1 -0.35 -2.40 -2.51
CA GLY A 1 0.52 -3.57 -2.54
C GLY A 1 0.85 -3.71 -1.07
N PHE A 2 2.11 -3.92 -0.73
CA PHE A 2 2.56 -3.67 0.64
C PHE A 2 3.38 -2.39 0.45
N GLY A 3 3.46 -1.52 1.44
CA GLY A 3 4.04 -0.21 1.22
C GLY A 3 4.05 0.64 2.47
N SER A 4 4.19 1.94 2.31
CA SER A 4 4.40 2.89 3.41
C SER A 4 3.21 3.79 3.72
N LYS A 5 2.18 3.73 2.89
CA LYS A 5 1.02 4.64 2.97
C LYS A 5 -0.21 3.74 2.85
N PRO A 6 -1.41 4.21 3.22
CA PRO A 6 -2.53 3.28 3.03
C PRO A 6 -2.95 3.09 1.56
N LEU A 7 -3.85 2.14 1.34
CA LEU A 7 -4.60 1.87 0.10
C LEU A 7 -3.89 1.32 -1.15
N ASP A 8 -4.24 0.06 -1.44
CA ASP A 8 -3.76 -0.83 -2.50
C ASP A 8 -4.69 -2.02 -2.31
N SER A 9 -4.75 -3.00 -3.22
CA SER A 9 -5.57 -4.19 -3.02
C SER A 9 -5.01 -5.08 -1.90
N PHE A 10 -3.71 -5.00 -1.65
CA PHE A 10 -3.06 -5.74 -0.56
C PHE A 10 -2.87 -4.80 0.65
N GLY A 11 -3.57 -3.67 0.61
CA GLY A 11 -3.66 -2.78 1.76
C GLY A 11 -2.83 -1.52 1.80
N LEU A 12 -1.60 -1.53 1.30
CA LEU A 12 -0.72 -0.36 1.45
C LEU A 12 -0.03 0.16 0.16
N ASN A 13 -0.16 1.45 -0.10
CA ASN A 13 0.50 2.09 -1.24
C ASN A 13 2.01 2.21 -1.03
N PHE A 14 2.76 1.83 -2.05
CA PHE A 14 4.21 1.87 -2.04
C PHE A 14 4.75 3.11 -2.77
N PHE A 15 5.70 3.75 -2.11
CA PHE A 15 6.65 4.71 -2.66
C PHE A 15 7.55 4.78 -1.44
N GLY A 1 -0.42 -3.14 -2.00
CA GLY A 1 0.97 -3.52 -2.17
C GLY A 1 1.54 -3.69 -0.77
N PHE A 2 2.82 -3.39 -0.59
CA PHE A 2 3.37 -3.16 0.73
C PHE A 2 4.07 -1.81 0.59
N GLY A 3 3.93 -0.93 1.56
CA GLY A 3 4.46 0.42 1.43
C GLY A 3 4.06 1.18 2.67
N SER A 4 4.25 2.50 2.68
CA SER A 4 3.94 3.33 3.83
C SER A 4 2.58 4.04 3.79
N LYS A 5 1.88 3.97 2.66
CA LYS A 5 0.65 4.73 2.48
C LYS A 5 -0.58 3.83 2.63
N PRO A 6 -1.77 4.39 2.96
CA PRO A 6 -2.92 3.49 3.01
C PRO A 6 -3.35 3.02 1.62
N LEU A 7 -4.35 2.14 1.58
CA LEU A 7 -5.01 1.66 0.36
C LEU A 7 -4.16 1.35 -0.87
N ASP A 8 -3.45 0.22 -0.78
CA ASP A 8 -3.10 -0.53 -1.99
C ASP A 8 -4.35 -1.15 -2.54
N SER A 9 -4.22 -1.99 -3.59
CA SER A 9 -5.27 -2.94 -3.97
C SER A 9 -5.60 -3.94 -2.86
N PHE A 10 -4.59 -4.35 -2.12
CA PHE A 10 -4.76 -5.09 -0.86
C PHE A 10 -3.46 -4.78 -0.13
N GLY A 11 -3.52 -4.41 1.15
CA GLY A 11 -2.32 -3.99 1.85
C GLY A 11 -2.09 -2.49 1.81
N LEU A 12 -0.84 -2.08 1.92
CA LEU A 12 -0.46 -0.66 2.01
C LEU A 12 0.21 -0.21 0.72
N ASN A 13 -0.12 0.97 0.21
CA ASN A 13 0.31 1.35 -1.13
C ASN A 13 1.80 1.67 -1.20
N PHE A 14 2.45 0.95 -2.11
CA PHE A 14 3.88 1.02 -2.38
C PHE A 14 4.32 2.39 -2.88
N PHE A 15 5.60 2.68 -2.74
CA PHE A 15 6.25 3.89 -3.22
C PHE A 15 7.68 3.39 -3.34
N GLY A 1 -0.40 -2.72 -2.32
CA GLY A 1 0.98 -3.05 -2.63
C GLY A 1 1.58 -3.47 -1.29
N PHE A 2 2.82 -3.10 -1.01
CA PHE A 2 3.28 -3.08 0.38
C PHE A 2 4.11 -1.81 0.49
N GLY A 3 3.78 -0.95 1.44
CA GLY A 3 4.44 0.34 1.55
C GLY A 3 3.86 1.16 2.67
N SER A 4 4.11 2.46 2.66
CA SER A 4 3.74 3.36 3.77
C SER A 4 2.47 4.18 3.59
N LYS A 5 1.80 4.09 2.46
CA LYS A 5 0.65 4.96 2.17
C LYS A 5 -0.65 4.20 2.48
N PRO A 6 -1.79 4.90 2.63
CA PRO A 6 -3.05 4.16 2.84
C PRO A 6 -3.42 3.28 1.64
N LEU A 7 -4.51 2.54 1.77
CA LEU A 7 -4.68 1.25 1.08
C LEU A 7 -4.40 1.18 -0.42
N ASP A 8 -3.69 0.10 -0.71
CA ASP A 8 -3.36 -0.42 -2.04
C ASP A 8 -4.56 -1.18 -2.57
N SER A 9 -4.34 -2.00 -3.61
CA SER A 9 -5.26 -3.08 -3.96
C SER A 9 -5.34 -4.19 -2.91
N PHE A 10 -4.23 -4.44 -2.24
CA PHE A 10 -4.16 -5.36 -1.10
C PHE A 10 -3.09 -4.78 -0.20
N GLY A 11 -3.34 -4.58 1.08
CA GLY A 11 -2.32 -4.02 1.95
C GLY A 11 -2.18 -2.50 1.83
N LEU A 12 -1.03 -1.98 2.24
CA LEU A 12 -0.76 -0.53 2.22
C LEU A 12 -0.02 -0.17 0.93
N ASN A 13 -0.25 1.01 0.39
CA ASN A 13 0.26 1.33 -0.94
C ASN A 13 1.76 1.54 -1.04
N PHE A 14 2.33 0.83 -2.01
CA PHE A 14 3.76 0.78 -2.29
C PHE A 14 4.37 2.11 -2.71
N PHE A 15 5.68 2.22 -2.56
CA PHE A 15 6.46 3.38 -2.96
C PHE A 15 7.77 2.69 -3.30
N GLY A 1 -0.50 -2.46 -2.29
CA GLY A 1 0.80 -2.84 -2.80
C GLY A 1 1.52 -3.50 -1.63
N PHE A 2 2.70 -3.03 -1.26
CA PHE A 2 3.14 -3.13 0.12
C PHE A 2 4.00 -1.89 0.40
N GLY A 3 3.61 -1.04 1.33
CA GLY A 3 4.38 0.17 1.56
C GLY A 3 3.77 1.16 2.54
N SER A 4 4.22 2.41 2.43
CA SER A 4 3.94 3.47 3.39
C SER A 4 2.72 4.37 3.20
N LYS A 5 1.89 4.13 2.19
CA LYS A 5 0.72 5.00 1.94
C LYS A 5 -0.54 4.26 2.41
N PRO A 6 -1.72 4.93 2.47
CA PRO A 6 -2.93 4.18 2.82
C PRO A 6 -3.31 3.10 1.79
N LEU A 7 -4.49 2.49 1.96
CA LEU A 7 -4.85 1.26 1.25
C LEU A 7 -4.63 1.20 -0.26
N ASP A 8 -4.06 0.05 -0.63
CA ASP A 8 -3.62 -0.37 -1.95
C ASP A 8 -4.67 -1.29 -2.54
N SER A 9 -4.28 -2.00 -3.62
CA SER A 9 -4.94 -3.24 -4.05
C SER A 9 -4.93 -4.39 -3.04
N PHE A 10 -3.88 -4.43 -2.23
CA PHE A 10 -3.74 -5.39 -1.14
C PHE A 10 -2.94 -4.66 -0.06
N GLY A 11 -3.40 -4.59 1.18
CA GLY A 11 -2.59 -3.95 2.20
C GLY A 11 -2.43 -2.45 2.01
N LEU A 12 -1.25 -1.95 2.35
CA LEU A 12 -0.92 -0.52 2.28
C LEU A 12 -0.09 -0.23 1.03
N ASN A 13 -0.27 0.95 0.44
CA ASN A 13 0.29 1.22 -0.89
C ASN A 13 1.81 1.44 -0.96
N PHE A 14 2.37 0.79 -1.97
CA PHE A 14 3.80 0.73 -2.24
C PHE A 14 4.43 2.10 -2.48
N PHE A 15 5.74 2.19 -2.30
CA PHE A 15 6.52 3.40 -2.51
C PHE A 15 7.59 2.81 -3.39
N GLY A 1 -0.52 -2.37 -2.20
CA GLY A 1 0.77 -2.74 -2.78
C GLY A 1 1.47 -3.60 -1.74
N PHE A 2 2.59 -3.13 -1.23
CA PHE A 2 2.92 -3.30 0.19
C PHE A 2 3.73 -2.03 0.43
N GLY A 3 3.54 -1.32 1.53
CA GLY A 3 4.21 -0.04 1.68
C GLY A 3 3.69 0.88 2.77
N SER A 4 3.98 2.16 2.61
CA SER A 4 3.72 3.20 3.60
C SER A 4 2.55 4.16 3.37
N LYS A 5 1.86 4.07 2.23
CA LYS A 5 0.76 4.99 1.92
C LYS A 5 -0.52 4.26 2.33
N PRO A 6 -1.71 4.91 2.33
CA PRO A 6 -2.94 4.18 2.73
C PRO A 6 -3.34 3.04 1.78
N LEU A 7 -4.56 2.52 1.95
CA LEU A 7 -5.00 1.31 1.27
C LEU A 7 -4.73 1.21 -0.23
N ASP A 8 -4.21 0.02 -0.56
CA ASP A 8 -3.68 -0.39 -1.85
C ASP A 8 -4.66 -1.36 -2.47
N SER A 9 -4.23 -2.01 -3.57
CA SER A 9 -4.84 -3.27 -4.02
C SER A 9 -4.72 -4.42 -3.02
N PHE A 10 -3.63 -4.42 -2.26
CA PHE A 10 -3.42 -5.37 -1.17
C PHE A 10 -2.74 -4.62 -0.01
N GLY A 11 -3.33 -4.55 1.17
CA GLY A 11 -2.64 -3.89 2.26
C GLY A 11 -2.46 -2.40 2.08
N LEU A 12 -1.25 -1.92 2.35
CA LEU A 12 -0.90 -0.49 2.29
C LEU A 12 -0.04 -0.21 1.06
N ASN A 13 -0.12 1.00 0.52
CA ASN A 13 0.43 1.30 -0.81
C ASN A 13 1.93 1.58 -0.90
N PHE A 14 2.52 1.00 -1.94
CA PHE A 14 3.95 1.00 -2.24
C PHE A 14 4.56 2.37 -2.53
N PHE A 15 5.88 2.42 -2.53
CA PHE A 15 6.67 3.52 -3.08
C PHE A 15 7.85 2.73 -3.61
N GLY A 1 -0.73 -1.88 -2.25
CA GLY A 1 0.48 -2.33 -2.92
C GLY A 1 1.17 -2.87 -1.68
N PHE A 2 2.48 -2.71 -1.49
CA PHE A 2 3.04 -2.98 -0.17
C PHE A 2 4.05 -1.92 0.28
N GLY A 3 3.61 -1.01 1.13
CA GLY A 3 4.48 0.00 1.71
C GLY A 3 3.66 0.91 2.59
N SER A 4 4.28 1.88 3.25
CA SER A 4 3.56 2.81 4.12
C SER A 4 2.91 3.94 3.32
N LYS A 5 1.59 3.89 3.18
CA LYS A 5 0.78 4.90 2.45
C LYS A 5 -0.64 4.49 2.79
N PRO A 6 -1.69 5.22 2.32
CA PRO A 6 -3.04 4.65 2.55
C PRO A 6 -3.30 3.38 1.73
N LEU A 7 -4.55 2.92 1.80
CA LEU A 7 -4.98 1.65 1.20
C LEU A 7 -4.65 1.37 -0.27
N ASP A 8 -4.57 0.07 -0.54
CA ASP A 8 -4.08 -0.54 -1.77
C ASP A 8 -4.69 -1.91 -1.91
N SER A 9 -4.58 -2.51 -3.10
CA SER A 9 -5.06 -3.88 -3.37
C SER A 9 -4.37 -4.98 -2.56
N PHE A 10 -3.17 -4.72 -2.07
CA PHE A 10 -2.42 -5.68 -1.26
C PHE A 10 -2.15 -5.08 0.14
N GLY A 11 -3.06 -4.21 0.57
CA GLY A 11 -3.00 -3.62 1.89
C GLY A 11 -2.74 -2.13 1.92
N LEU A 12 -1.49 -1.70 1.96
CA LEU A 12 -1.13 -0.28 2.05
C LEU A 12 -0.09 0.01 0.99
N ASN A 13 -0.14 1.18 0.35
CA ASN A 13 0.49 1.34 -0.96
C ASN A 13 2.02 1.44 -1.07
N PHE A 14 2.52 0.99 -2.20
CA PHE A 14 3.95 0.80 -2.48
C PHE A 14 4.67 2.14 -2.71
N PHE A 15 5.99 2.15 -2.54
CA PHE A 15 6.89 3.18 -3.07
C PHE A 15 8.12 2.31 -3.33
N GLY A 1 -0.56 -2.11 -1.85
CA GLY A 1 0.60 -2.69 -2.50
C GLY A 1 1.54 -3.16 -1.40
N PHE A 2 2.81 -2.77 -1.44
CA PHE A 2 3.76 -3.21 -0.42
C PHE A 2 4.49 -2.05 0.26
N GLY A 3 3.80 -1.24 1.04
CA GLY A 3 4.49 -0.17 1.75
C GLY A 3 3.64 0.76 2.60
N SER A 4 4.27 1.76 3.20
CA SER A 4 3.57 2.72 4.04
C SER A 4 2.91 3.84 3.23
N LYS A 5 1.59 3.75 3.08
CA LYS A 5 0.75 4.77 2.42
C LYS A 5 -0.65 4.28 2.77
N PRO A 6 -1.72 5.03 2.47
CA PRO A 6 -3.05 4.44 2.67
C PRO A 6 -3.37 3.31 1.68
N LEU A 7 -4.66 2.99 1.57
CA LEU A 7 -5.17 1.82 0.89
C LEU A 7 -4.66 1.51 -0.52
N ASP A 8 -4.51 0.19 -0.71
CA ASP A 8 -3.93 -0.49 -1.85
C ASP A 8 -4.73 -1.75 -2.09
N SER A 9 -4.53 -2.42 -3.22
CA SER A 9 -5.14 -3.73 -3.49
C SER A 9 -4.52 -4.85 -2.64
N PHE A 10 -3.39 -4.56 -2.01
CA PHE A 10 -2.72 -5.47 -1.09
C PHE A 10 -2.56 -4.77 0.27
N GLY A 11 -3.57 -4.00 0.64
CA GLY A 11 -3.60 -3.36 1.95
C GLY A 11 -3.04 -1.95 1.99
N LEU A 12 -1.72 -1.77 2.00
CA LEU A 12 -1.12 -0.42 2.14
C LEU A 12 -0.04 -0.21 1.07
N ASN A 13 0.02 0.95 0.44
CA ASN A 13 0.75 1.06 -0.84
C ASN A 13 2.26 1.31 -0.84
N PHE A 14 2.93 0.79 -1.87
CA PHE A 14 4.38 0.95 -2.06
C PHE A 14 4.68 2.35 -2.61
N PHE A 15 5.96 2.63 -2.85
CA PHE A 15 6.42 3.79 -3.61
C PHE A 15 7.57 3.13 -4.34
N GLY A 1 -0.49 -2.18 -1.87
CA GLY A 1 0.70 -2.70 -2.52
C GLY A 1 1.65 -3.17 -1.43
N PHE A 2 2.90 -2.74 -1.47
CA PHE A 2 3.86 -3.15 -0.45
C PHE A 2 4.56 -1.92 0.14
N GLY A 3 3.89 -1.19 1.04
CA GLY A 3 4.56 -0.09 1.71
C GLY A 3 3.66 0.74 2.59
N SER A 4 4.24 1.74 3.24
CA SER A 4 3.50 2.63 4.13
C SER A 4 2.90 3.78 3.33
N LYS A 5 1.58 3.74 3.16
CA LYS A 5 0.79 4.76 2.47
C LYS A 5 -0.61 4.30 2.83
N PRO A 6 -1.67 5.06 2.47
CA PRO A 6 -3.00 4.47 2.66
C PRO A 6 -3.30 3.32 1.68
N LEU A 7 -4.58 3.06 1.48
CA LEU A 7 -5.07 1.86 0.80
C LEU A 7 -4.47 1.50 -0.56
N ASP A 8 -4.38 0.19 -0.73
CA ASP A 8 -3.84 -0.55 -1.87
C ASP A 8 -4.79 -1.71 -2.12
N SER A 9 -4.60 -2.44 -3.22
CA SER A 9 -5.19 -3.78 -3.41
C SER A 9 -4.63 -4.83 -2.46
N PHE A 10 -3.40 -4.61 -2.03
CA PHE A 10 -2.72 -5.47 -1.06
C PHE A 10 -2.63 -4.73 0.29
N GLY A 11 -3.67 -3.99 0.64
CA GLY A 11 -3.72 -3.32 1.92
C GLY A 11 -3.12 -1.92 2.02
N LEU A 12 -1.80 -1.76 2.03
CA LEU A 12 -1.16 -0.45 2.19
C LEU A 12 -0.10 -0.26 1.10
N ASN A 13 0.00 0.92 0.48
CA ASN A 13 0.65 1.05 -0.83
C ASN A 13 2.16 1.29 -0.92
N PHE A 14 2.76 0.87 -2.02
CA PHE A 14 4.21 0.96 -2.24
C PHE A 14 4.60 2.37 -2.68
N PHE A 15 5.90 2.60 -2.84
CA PHE A 15 6.43 3.78 -3.52
C PHE A 15 7.57 3.09 -4.28
N GLY A 1 -0.59 -2.10 -1.84
CA GLY A 1 0.58 -2.68 -2.49
C GLY A 1 1.50 -3.15 -1.38
N PHE A 2 2.76 -2.75 -1.41
CA PHE A 2 3.72 -3.19 -0.40
C PHE A 2 4.46 -2.02 0.26
N GLY A 3 3.79 -1.24 1.09
CA GLY A 3 4.50 -0.16 1.77
C GLY A 3 3.67 0.76 2.64
N SER A 4 4.32 1.78 3.19
CA SER A 4 3.67 2.76 4.03
C SER A 4 2.96 3.86 3.24
N LYS A 5 1.65 3.70 3.03
CA LYS A 5 0.78 4.71 2.42
C LYS A 5 -0.61 4.20 2.77
N PRO A 6 -1.70 4.95 2.50
CA PRO A 6 -3.01 4.35 2.73
C PRO A 6 -3.35 3.26 1.70
N LEU A 7 -4.65 2.99 1.54
CA LEU A 7 -5.17 1.84 0.81
C LEU A 7 -4.61 1.52 -0.58
N ASP A 8 -4.56 0.21 -0.79
CA ASP A 8 -3.94 -0.49 -1.90
C ASP A 8 -4.70 -1.77 -2.11
N SER A 9 -4.49 -2.44 -3.25
CA SER A 9 -5.06 -3.77 -3.52
C SER A 9 -4.51 -4.84 -2.57
N PHE A 10 -3.33 -4.60 -2.03
CA PHE A 10 -2.71 -5.50 -1.05
C PHE A 10 -2.57 -4.76 0.29
N GLY A 11 -3.59 -3.97 0.62
CA GLY A 11 -3.65 -3.31 1.91
C GLY A 11 -3.06 -1.91 1.98
N LEU A 12 -1.74 -1.76 2.03
CA LEU A 12 -1.11 -0.44 2.20
C LEU A 12 -0.04 -0.22 1.12
N ASN A 13 0.00 0.95 0.50
CA ASN A 13 0.69 1.11 -0.78
C ASN A 13 2.20 1.35 -0.84
N PHE A 14 2.82 0.90 -1.92
CA PHE A 14 4.28 1.00 -2.12
C PHE A 14 4.64 2.39 -2.64
N PHE A 15 5.93 2.61 -2.88
CA PHE A 15 6.44 3.77 -3.61
C PHE A 15 7.58 3.09 -4.36
#